data_2E9Z
#
_entry.id   2E9Z
#
_cell.length_a   94.110
_cell.length_b   94.110
_cell.length_c   99.362
_cell.angle_alpha   90.00
_cell.angle_beta   90.00
_cell.angle_gamma   120.00
#
_symmetry.space_group_name_H-M   'P 32 2 1'
#
loop_
_entity.id
_entity.type
_entity.pdbx_description
1 polymer "5'-R(*CP*AP*UP*GP*GP*GP*CP*CP*C)-3'"
2 polymer "5'-R(*GP*GP*GP*CP*CP*CP*A)-3'"
3 polymer 'RNA-dependent RNA polymerase'
4 non-polymer 'MAGNESIUM ION'
5 non-polymer "URIDINE 5'-TRIPHOSPHATE"
6 non-polymer PYROPHOSPHATE
7 water water
#
loop_
_entity_poly.entity_id
_entity_poly.type
_entity_poly.pdbx_seq_one_letter_code
_entity_poly.pdbx_strand_id
1 'polyribonucleotide' CAUGGGCCC B
2 'polyribonucleotide' GGGCCCA C
3 'polypeptide(L)'
;GLIVDTRDVEERVHVMRKTKLAPTVAHGVFNPEFGPAALSNKDPRLNEGVVLDEVIFSKHKGDTKMSAEDKALFRRCAAD
YASRLHSVLGTANAPLSIYEAIKGVDGLDAMEPDTAPGLPWALQGKRRGALIDFENGTVGPEVEAALKLMEKREYKFACQ
TFLKDEIRPMEKVRAGKTRIVDVLPVEHILYTRMMIGRFCAQMHSNNGPQIGSAVGCNPDVDWQRFGTHFAQYRNVWDVD
YSAFDANHCSDAMNIMFEEVFRTEFGFHPNAEWILKTLVNTEHAYENKRITVEGGMPSGCSATSIINTILNNIYVLYALR
RHYEGVELDTYTMISYGDDIVVASDYDLDFEALKPHFKSLGQTITPADKSDKGFVLGHSITDVTFLKRHFHMDYGTGFYK
PVMASKTLEAILSFARRGTIQEKLISVAGLAVHSGPDEYRRLFEPFQGLFEIPSYRSLYLRWVNAVCGDAAALEHH
;
A
#
loop_
_chem_comp.id
_chem_comp.type
_chem_comp.name
_chem_comp.formula
A RNA linking ADENOSINE-5'-MONOPHOSPHATE 'C10 H14 N5 O7 P'
C RNA linking CYTIDINE-5'-MONOPHOSPHATE 'C9 H14 N3 O8 P'
G RNA linking GUANOSINE-5'-MONOPHOSPHATE 'C10 H14 N5 O8 P'
MG non-polymer 'MAGNESIUM ION' 'Mg 2'
PPV non-polymer PYROPHOSPHATE 'H4 O7 P2'
U RNA linking URIDINE-5'-MONOPHOSPHATE 'C9 H13 N2 O9 P'
UTP non-polymer 'URIDINE 5'-TRIPHOSPHATE' 'C9 H15 N2 O15 P3'
#
# COMPACT_ATOMS: atom_id res chain seq x y z
N GLY C 1 12.13 -5.57 10.29
CA GLY C 1 11.75 -5.59 11.73
C GLY C 1 12.68 -6.47 12.53
N LEU C 2 12.79 -6.19 13.83
CA LEU C 2 13.66 -6.97 14.71
C LEU C 2 12.90 -7.57 15.88
N ILE C 3 12.98 -8.89 16.01
CA ILE C 3 12.32 -9.60 17.10
C ILE C 3 13.19 -9.44 18.34
N VAL C 4 12.62 -9.66 19.52
CA VAL C 4 13.39 -9.53 20.76
C VAL C 4 13.09 -10.59 21.81
N ASP C 5 11.80 -10.86 22.03
CA ASP C 5 11.42 -11.86 23.02
C ASP C 5 10.18 -12.66 22.61
N THR C 6 10.38 -13.64 21.73
CA THR C 6 9.28 -14.49 21.28
C THR C 6 8.87 -15.40 22.43
N ARG C 7 7.57 -15.54 22.65
CA ARG C 7 7.07 -16.38 23.74
C ARG C 7 5.73 -17.04 23.42
N ASP C 8 5.17 -17.67 24.44
CA ASP C 8 3.88 -18.36 24.32
C ASP C 8 3.01 -18.00 25.52
N VAL C 9 1.70 -18.16 25.37
CA VAL C 9 0.77 -17.84 26.46
C VAL C 9 -0.32 -18.91 26.55
N GLU C 10 -1.59 -18.48 26.54
CA GLU C 10 -2.71 -19.40 26.64
C GLU C 10 -3.58 -19.37 25.39
N GLU C 11 -4.43 -18.35 25.29
CA GLU C 11 -5.33 -18.19 24.16
C GLU C 11 -4.61 -18.45 22.84
N ARG C 12 -5.27 -19.19 21.95
CA ARG C 12 -4.69 -19.52 20.65
C ARG C 12 -5.60 -19.07 19.51
N VAL C 13 -5.47 -17.81 19.11
CA VAL C 13 -6.28 -17.25 18.03
C VAL C 13 -5.97 -17.94 16.70
N HIS C 14 -6.96 -18.62 16.14
CA HIS C 14 -6.77 -19.31 14.87
C HIS C 14 -7.15 -18.41 13.70
N VAL C 15 -6.30 -18.40 12.67
CA VAL C 15 -6.52 -17.57 11.49
C VAL C 15 -6.14 -18.34 10.23
N MET C 16 -5.69 -19.58 10.42
CA MET C 16 -5.28 -20.43 9.31
C MET C 16 -6.51 -21.00 8.60
N ARG C 17 -7.56 -20.18 8.53
CA ARG C 17 -8.80 -20.60 7.89
C ARG C 17 -8.57 -21.15 6.49
N LYS C 18 -9.28 -22.21 6.15
CA LYS C 18 -9.17 -22.83 4.83
C LYS C 18 -9.48 -21.79 3.77
N THR C 19 -8.65 -21.73 2.73
CA THR C 19 -8.83 -20.78 1.65
C THR C 19 -10.29 -20.66 1.22
N LYS C 20 -10.71 -19.45 0.85
CA LYS C 20 -12.08 -19.22 0.43
C LYS C 20 -12.12 -18.83 -1.05
N LEU C 21 -11.04 -19.11 -1.77
CA LEU C 21 -10.95 -18.79 -3.18
C LEU C 21 -11.06 -20.06 -4.00
N ALA C 22 -12.20 -20.25 -4.67
CA ALA C 22 -12.43 -21.43 -5.48
C ALA C 22 -12.23 -21.15 -6.97
N PRO C 23 -11.56 -22.07 -7.68
CA PRO C 23 -11.29 -21.94 -9.12
C PRO C 23 -12.55 -21.63 -9.94
N THR C 24 -12.37 -20.90 -11.03
CA THR C 24 -13.48 -20.53 -11.89
C THR C 24 -13.43 -21.30 -13.21
N VAL C 25 -14.49 -21.18 -14.00
CA VAL C 25 -14.59 -21.85 -15.29
C VAL C 25 -13.42 -21.48 -16.20
N ALA C 26 -12.73 -20.41 -15.88
CA ALA C 26 -11.59 -19.96 -16.68
C ALA C 26 -10.28 -20.64 -16.27
N HIS C 27 -10.17 -20.96 -14.99
CA HIS C 27 -8.97 -21.61 -14.46
C HIS C 27 -8.40 -22.66 -15.40
N GLY C 28 -9.10 -23.79 -15.50
CA GLY C 28 -8.65 -24.87 -16.36
C GLY C 28 -8.43 -24.46 -17.80
N VAL C 29 -8.80 -23.24 -18.14
CA VAL C 29 -8.64 -22.74 -19.50
C VAL C 29 -7.34 -21.94 -19.65
N PHE C 30 -6.93 -21.28 -18.58
CA PHE C 30 -5.70 -20.48 -18.60
C PHE C 30 -4.55 -21.19 -17.90
N ASN C 31 -4.87 -21.96 -16.86
CA ASN C 31 -3.85 -22.68 -16.10
C ASN C 31 -2.79 -21.71 -15.60
N PRO C 32 -3.22 -20.66 -14.86
CA PRO C 32 -2.31 -19.66 -14.32
C PRO C 32 -1.35 -20.24 -13.29
N GLU C 33 -0.11 -19.76 -13.31
CA GLU C 33 0.90 -20.22 -12.37
C GLU C 33 0.67 -19.58 -11.00
N PHE C 34 -0.60 -19.36 -10.66
CA PHE C 34 -0.96 -18.76 -9.39
C PHE C 34 -1.95 -19.62 -8.62
N GLY C 35 -2.08 -19.34 -7.33
CA GLY C 35 -3.00 -20.09 -6.49
C GLY C 35 -3.04 -19.48 -5.10
N PRO C 36 -4.11 -19.76 -4.32
CA PRO C 36 -4.22 -19.21 -2.96
C PRO C 36 -3.06 -19.64 -2.06
N ALA C 37 -2.34 -18.67 -1.51
CA ALA C 37 -1.21 -18.96 -0.64
C ALA C 37 -1.65 -19.90 0.48
N ALA C 38 -0.87 -20.95 0.72
CA ALA C 38 -1.18 -21.92 1.77
C ALA C 38 -1.39 -21.21 3.09
N LEU C 39 -2.55 -21.43 3.70
CA LEU C 39 -2.87 -20.80 4.98
C LEU C 39 -2.74 -21.78 6.13
N SER C 40 -2.44 -23.04 5.82
CA SER C 40 -2.29 -24.07 6.84
C SER C 40 -0.84 -24.51 6.99
N ASN C 41 -0.46 -24.82 8.22
CA ASN C 41 0.91 -25.26 8.51
C ASN C 41 1.23 -26.53 7.72
N LYS C 42 0.22 -27.39 7.58
CA LYS C 42 0.38 -28.63 6.84
C LYS C 42 -0.47 -28.67 5.58
N ASP C 43 -0.05 -27.90 4.58
CA ASP C 43 -0.75 -27.83 3.30
C ASP C 43 -0.05 -28.73 2.29
N PRO C 44 -0.83 -29.55 1.57
CA PRO C 44 -0.31 -30.48 0.56
C PRO C 44 0.68 -29.84 -0.42
N ARG C 45 0.29 -28.70 -0.99
CA ARG C 45 1.14 -28.00 -1.95
C ARG C 45 2.50 -27.62 -1.40
N LEU C 46 2.55 -27.25 -0.13
CA LEU C 46 3.81 -26.87 0.52
C LEU C 46 4.91 -27.87 0.19
N ASN C 47 6.15 -27.40 0.18
CA ASN C 47 7.29 -28.25 -0.11
C ASN C 47 7.59 -29.14 1.09
N GLU C 48 8.10 -30.33 0.82
CA GLU C 48 8.44 -31.27 1.90
C GLU C 48 9.64 -30.77 2.68
N GLY C 49 9.38 -29.94 3.69
CA GLY C 49 10.44 -29.40 4.52
C GLY C 49 10.16 -27.98 4.99
N VAL C 50 9.50 -27.20 4.14
CA VAL C 50 9.18 -25.81 4.47
C VAL C 50 8.09 -25.74 5.53
N VAL C 51 8.20 -24.77 6.43
CA VAL C 51 7.24 -24.58 7.51
C VAL C 51 6.48 -23.26 7.29
N LEU C 52 5.24 -23.21 7.80
CA LEU C 52 4.42 -22.02 7.66
C LEU C 52 4.78 -20.98 8.71
N ASP C 53 4.68 -21.37 9.98
CA ASP C 53 4.99 -20.48 11.09
C ASP C 53 6.43 -19.96 11.00
N GLU C 54 7.17 -20.47 10.03
CA GLU C 54 8.55 -20.07 9.82
C GLU C 54 8.70 -18.97 8.77
N VAL C 55 8.43 -19.33 7.51
CA VAL C 55 8.54 -18.39 6.41
C VAL C 55 7.76 -17.10 6.64
N ILE C 56 6.58 -17.22 7.23
CA ILE C 56 5.74 -16.05 7.50
C ILE C 56 6.47 -14.95 8.27
N PHE C 57 7.18 -15.32 9.34
CA PHE C 57 7.90 -14.34 10.14
C PHE C 57 9.37 -14.22 9.72
N SER C 58 9.69 -14.65 8.50
CA SER C 58 11.06 -14.58 8.02
C SER C 58 11.30 -13.25 7.30
N LYS C 59 10.40 -12.30 7.52
CA LYS C 59 10.52 -10.99 6.89
C LYS C 59 11.21 -10.00 7.82
N HIS C 60 11.47 -10.43 9.05
CA HIS C 60 12.13 -9.59 10.03
C HIS C 60 13.61 -9.94 10.14
N LYS C 61 14.42 -9.26 9.34
CA LYS C 61 15.87 -9.50 9.33
C LYS C 61 16.58 -8.58 10.32
N GLY C 62 15.81 -7.94 11.19
CA GLY C 62 16.39 -7.05 12.18
C GLY C 62 16.00 -5.60 11.94
N ASP C 63 16.45 -4.71 12.83
CA ASP C 63 16.15 -3.29 12.72
C ASP C 63 17.43 -2.49 12.52
N THR C 64 17.76 -2.20 11.27
CA THR C 64 18.96 -1.43 10.95
C THR C 64 19.09 -0.19 11.81
N LYS C 65 20.26 0.00 12.41
CA LYS C 65 20.51 1.17 13.25
C LYS C 65 21.30 2.19 12.44
N MET C 66 21.07 3.47 12.72
CA MET C 66 21.75 4.54 12.00
C MET C 66 22.73 5.31 12.87
N SER C 67 23.67 6.00 12.23
CA SER C 67 24.67 6.80 12.94
C SER C 67 24.20 8.24 13.05
N ALA C 68 24.78 8.98 13.99
CA ALA C 68 24.43 10.38 14.19
C ALA C 68 24.64 11.17 12.90
N GLU C 69 25.45 10.62 12.00
CA GLU C 69 25.72 11.26 10.73
C GLU C 69 24.53 11.08 9.80
N ASP C 70 24.11 9.83 9.62
CA ASP C 70 22.99 9.50 8.76
C ASP C 70 21.69 10.08 9.30
N LYS C 71 21.45 9.90 10.60
CA LYS C 71 20.24 10.41 11.25
C LYS C 71 20.02 11.88 10.90
N ALA C 72 21.06 12.68 11.05
CA ALA C 72 20.99 14.11 10.74
C ALA C 72 20.58 14.35 9.29
N LEU C 73 21.13 13.55 8.38
CA LEU C 73 20.79 13.68 6.97
C LEU C 73 19.34 13.33 6.72
N PHE C 74 18.92 12.18 7.23
CA PHE C 74 17.54 11.73 7.06
C PHE C 74 16.59 12.79 7.60
N ARG C 75 16.88 13.30 8.79
CA ARG C 75 16.03 14.31 9.42
C ARG C 75 15.93 15.56 8.56
N ARG C 76 17.03 15.95 7.92
CA ARG C 76 17.03 17.13 7.06
C ARG C 76 16.24 16.82 5.79
N CYS C 77 16.42 15.61 5.25
CA CYS C 77 15.71 15.20 4.04
C CYS C 77 14.22 15.10 4.35
N ALA C 78 13.91 14.69 5.58
CA ALA C 78 12.53 14.56 6.01
C ALA C 78 11.95 15.93 6.29
N ALA C 79 12.80 16.88 6.63
CA ALA C 79 12.38 18.24 6.92
C ALA C 79 12.11 18.97 5.61
N ASP C 80 13.02 18.81 4.65
CA ASP C 80 12.86 19.46 3.35
C ASP C 80 11.59 19.00 2.67
N TYR C 81 11.35 17.68 2.69
CA TYR C 81 10.15 17.13 2.08
C TYR C 81 8.92 17.64 2.82
N ALA C 82 8.97 17.57 4.15
CA ALA C 82 7.86 18.01 4.99
C ALA C 82 7.50 19.46 4.63
N SER C 83 8.51 20.26 4.34
CA SER C 83 8.30 21.65 3.97
C SER C 83 7.64 21.70 2.59
N ARG C 84 8.25 21.00 1.64
CA ARG C 84 7.75 20.93 0.26
C ARG C 84 6.31 20.44 0.22
N LEU C 85 6.03 19.44 1.06
CA LEU C 85 4.71 18.84 1.14
C LEU C 85 3.67 19.82 1.66
N HIS C 86 3.87 20.28 2.89
CA HIS C 86 2.94 21.20 3.53
C HIS C 86 2.83 22.55 2.83
N SER C 87 3.78 22.84 1.94
CA SER C 87 3.73 24.11 1.21
C SER C 87 2.64 23.99 0.16
N VAL C 88 2.03 22.81 0.09
CA VAL C 88 0.96 22.53 -0.85
C VAL C 88 -0.32 22.20 -0.09
N LEU C 89 -0.27 21.14 0.71
CA LEU C 89 -1.41 20.70 1.50
C LEU C 89 -1.84 21.79 2.47
N GLY C 90 -0.97 22.77 2.68
CA GLY C 90 -1.27 23.85 3.60
C GLY C 90 -0.92 23.47 5.02
N THR C 91 -1.30 24.31 5.97
CA THR C 91 -1.02 24.05 7.38
C THR C 91 -2.30 23.73 8.14
N ALA C 92 -3.38 23.51 7.40
CA ALA C 92 -4.67 23.18 7.99
C ALA C 92 -4.75 21.70 8.31
N ASN C 93 -4.05 21.27 9.36
CA ASN C 93 -4.04 19.88 9.76
C ASN C 93 -4.56 19.68 11.19
N ALA C 94 -5.47 20.57 11.60
CA ALA C 94 -6.04 20.49 12.94
C ALA C 94 -6.70 19.13 13.13
N PRO C 95 -6.81 18.67 14.38
CA PRO C 95 -7.43 17.37 14.67
C PRO C 95 -8.90 17.31 14.25
N LEU C 96 -9.40 16.09 14.05
CA LEU C 96 -10.79 15.90 13.65
C LEU C 96 -11.64 15.43 14.81
N SER C 97 -12.88 15.90 14.86
CA SER C 97 -13.80 15.53 15.92
C SER C 97 -14.06 14.03 15.85
N ILE C 98 -14.49 13.44 16.95
CA ILE C 98 -14.77 12.00 16.99
C ILE C 98 -15.74 11.65 15.86
N TYR C 99 -16.58 12.62 15.50
CA TYR C 99 -17.56 12.43 14.43
C TYR C 99 -16.85 12.31 13.09
N GLU C 100 -16.07 13.34 12.76
CA GLU C 100 -15.33 13.37 11.51
C GLU C 100 -14.46 12.13 11.33
N ALA C 101 -13.73 11.78 12.38
CA ALA C 101 -12.86 10.60 12.33
C ALA C 101 -13.63 9.34 11.96
N ILE C 102 -14.95 9.37 12.16
CA ILE C 102 -15.79 8.23 11.84
C ILE C 102 -16.44 8.35 10.47
N LYS C 103 -17.42 9.25 10.36
CA LYS C 103 -18.13 9.46 9.10
C LYS C 103 -17.19 9.93 8.01
N GLY C 104 -15.94 10.19 8.39
CA GLY C 104 -14.95 10.65 7.43
C GLY C 104 -15.14 12.10 7.05
N VAL C 105 -14.30 12.59 6.14
CA VAL C 105 -14.38 13.96 5.68
C VAL C 105 -14.23 14.00 4.16
N ASP C 106 -14.35 15.19 3.58
CA ASP C 106 -14.23 15.35 2.14
C ASP C 106 -12.84 14.96 1.69
N GLY C 107 -12.70 13.72 1.21
CA GLY C 107 -11.41 13.24 0.75
C GLY C 107 -10.88 12.12 1.62
N LEU C 108 -11.77 11.55 2.45
CA LEU C 108 -11.41 10.47 3.34
C LEU C 108 -12.62 9.58 3.61
N ASP C 109 -12.63 8.40 3.01
CA ASP C 109 -13.74 7.45 3.20
C ASP C 109 -13.94 7.17 4.69
N ALA C 110 -15.15 6.79 5.06
CA ALA C 110 -15.46 6.49 6.45
C ALA C 110 -14.80 5.17 6.86
N MET C 111 -14.77 4.91 8.15
CA MET C 111 -14.18 3.67 8.67
C MET C 111 -15.02 2.46 8.34
N GLU C 112 -14.38 1.31 8.16
CA GLU C 112 -15.07 0.07 7.86
C GLU C 112 -15.94 -0.36 9.03
N PRO C 113 -17.25 -0.50 8.81
CA PRO C 113 -18.19 -0.91 9.86
C PRO C 113 -18.18 -2.40 10.19
N ASP C 114 -17.85 -3.22 9.20
CA ASP C 114 -17.82 -4.67 9.41
C ASP C 114 -16.47 -5.30 9.12
N THR C 115 -15.47 -4.99 9.94
CA THR C 115 -14.14 -5.54 9.76
C THR C 115 -13.52 -5.95 11.09
N ALA C 116 -12.34 -6.55 11.03
CA ALA C 116 -11.63 -7.01 12.23
C ALA C 116 -11.69 -5.95 13.32
N PRO C 117 -12.40 -6.23 14.42
CA PRO C 117 -12.53 -5.31 15.55
C PRO C 117 -11.22 -5.02 16.26
N GLY C 118 -10.30 -5.99 16.22
CA GLY C 118 -9.02 -5.81 16.86
C GLY C 118 -8.86 -6.65 18.11
N LEU C 119 -8.15 -6.12 19.10
CA LEU C 119 -7.92 -6.83 20.35
C LEU C 119 -8.01 -5.87 21.54
N PRO C 120 -8.50 -6.35 22.70
CA PRO C 120 -8.98 -7.72 22.93
C PRO C 120 -10.35 -7.95 22.31
N TRP C 121 -10.85 -6.94 21.59
CA TRP C 121 -12.15 -7.00 20.96
C TRP C 121 -12.43 -8.33 20.25
N ALA C 122 -11.37 -8.99 19.79
CA ALA C 122 -11.52 -10.26 19.10
C ALA C 122 -11.77 -11.40 20.09
N LEU C 123 -10.98 -11.43 21.16
CA LEU C 123 -11.12 -12.47 22.17
C LEU C 123 -12.39 -12.29 22.99
N GLN C 124 -12.94 -11.08 22.98
CA GLN C 124 -14.17 -10.79 23.72
C GLN C 124 -15.39 -10.98 22.82
N GLY C 125 -15.20 -11.75 21.75
CA GLY C 125 -16.28 -12.03 20.82
C GLY C 125 -17.14 -10.83 20.43
N LYS C 126 -16.59 -9.63 20.52
CA LYS C 126 -17.35 -8.44 20.16
C LYS C 126 -16.70 -7.68 19.01
N ARG C 127 -17.48 -7.44 17.96
CA ARG C 127 -17.03 -6.73 16.78
C ARG C 127 -17.43 -5.25 16.87
N ARG C 128 -17.09 -4.48 15.85
CA ARG C 128 -17.42 -3.06 15.82
C ARG C 128 -18.91 -2.81 16.04
N GLY C 129 -19.72 -3.83 15.74
CA GLY C 129 -21.16 -3.70 15.92
C GLY C 129 -21.54 -3.55 17.37
N ALA C 130 -20.59 -3.80 18.26
CA ALA C 130 -20.83 -3.69 19.69
C ALA C 130 -19.74 -2.84 20.35
N LEU C 131 -19.28 -1.83 19.62
CA LEU C 131 -18.23 -0.95 20.13
C LEU C 131 -18.44 0.50 19.69
N ILE C 132 -18.80 0.69 18.42
CA ILE C 132 -19.03 2.03 17.89
C ILE C 132 -20.14 2.07 16.85
N ASP C 133 -20.88 3.18 16.83
CA ASP C 133 -21.97 3.36 15.88
C ASP C 133 -21.48 4.28 14.77
N PHE C 134 -21.20 3.69 13.61
CA PHE C 134 -20.69 4.44 12.46
C PHE C 134 -21.78 5.18 11.68
N GLU C 135 -22.88 5.51 12.35
CA GLU C 135 -23.97 6.22 11.69
C GLU C 135 -24.13 7.63 12.26
N ASN C 136 -24.22 7.74 13.57
CA ASN C 136 -24.36 9.03 14.23
C ASN C 136 -22.99 9.67 14.45
N GLY C 137 -21.95 8.84 14.45
CA GLY C 137 -20.60 9.34 14.64
C GLY C 137 -20.12 9.42 16.08
N THR C 138 -20.34 8.37 16.85
CA THR C 138 -19.92 8.34 18.25
C THR C 138 -19.41 6.96 18.64
N VAL C 139 -18.48 6.92 19.59
CA VAL C 139 -17.90 5.67 20.06
C VAL C 139 -18.63 5.18 21.31
N GLY C 140 -18.43 3.91 21.64
CA GLY C 140 -19.08 3.34 22.81
C GLY C 140 -18.25 3.52 24.07
N PRO C 141 -18.45 2.65 25.07
CA PRO C 141 -17.72 2.70 26.34
C PRO C 141 -16.24 2.31 26.22
N GLU C 142 -15.99 1.05 25.89
CA GLU C 142 -14.63 0.54 25.75
C GLU C 142 -13.73 1.50 24.96
N VAL C 143 -14.24 1.94 23.81
CA VAL C 143 -13.49 2.85 22.94
C VAL C 143 -13.13 4.17 23.62
N GLU C 144 -14.14 4.97 23.95
CA GLU C 144 -13.92 6.26 24.59
C GLU C 144 -12.93 6.17 25.74
N ALA C 145 -12.94 5.05 26.44
CA ALA C 145 -12.03 4.82 27.56
C ALA C 145 -10.60 4.98 27.06
N ALA C 146 -10.33 4.41 25.90
CA ALA C 146 -9.00 4.47 25.31
C ALA C 146 -8.70 5.91 24.86
N LEU C 147 -9.68 6.57 24.26
CA LEU C 147 -9.51 7.94 23.79
C LEU C 147 -8.91 8.81 24.90
N LYS C 148 -9.53 8.77 26.07
CA LYS C 148 -9.05 9.54 27.21
C LYS C 148 -7.68 9.04 27.62
N LEU C 149 -7.35 7.82 27.23
CA LEU C 149 -6.07 7.22 27.56
C LEU C 149 -5.01 7.60 26.52
N MET C 150 -5.40 7.59 25.25
CA MET C 150 -4.50 7.94 24.16
C MET C 150 -4.25 9.45 24.20
N GLU C 151 -5.20 10.18 24.78
CA GLU C 151 -5.10 11.63 24.89
C GLU C 151 -4.21 11.98 26.07
N LYS C 152 -3.61 10.95 26.67
CA LYS C 152 -2.73 11.13 27.81
C LYS C 152 -1.45 10.31 27.65
N ARG C 153 -1.25 9.75 26.45
CA ARG C 153 -0.07 8.95 26.14
C ARG C 153 0.10 7.82 27.16
N GLU C 154 -0.92 6.98 27.28
CA GLU C 154 -0.89 5.86 28.21
C GLU C 154 -1.68 4.68 27.67
N TYR C 155 -1.80 4.61 26.35
CA TYR C 155 -2.55 3.53 25.71
C TYR C 155 -1.68 2.42 25.15
N LYS C 156 -1.72 1.26 25.80
CA LYS C 156 -0.94 0.11 25.36
C LYS C 156 -1.85 -0.79 24.52
N PHE C 157 -1.27 -1.58 23.64
CA PHE C 157 -2.06 -2.46 22.79
C PHE C 157 -1.21 -3.54 22.12
N ALA C 158 -1.88 -4.43 21.39
CA ALA C 158 -1.21 -5.51 20.68
C ALA C 158 -1.80 -5.66 19.28
N CYS C 159 -0.98 -6.10 18.34
CA CYS C 159 -1.42 -6.28 16.96
C CYS C 159 -1.80 -7.74 16.71
N GLN C 160 -2.91 -7.95 16.00
CA GLN C 160 -3.37 -9.30 15.69
C GLN C 160 -2.94 -9.69 14.28
N THR C 161 -2.30 -10.84 14.17
CA THR C 161 -1.83 -11.33 12.87
C THR C 161 -2.86 -12.17 12.12
N PHE C 162 -2.94 -11.97 10.82
CA PHE C 162 -3.85 -12.70 9.96
C PHE C 162 -3.09 -13.24 8.75
N LEU C 163 -3.62 -14.28 8.13
CA LEU C 163 -2.99 -14.87 6.95
C LEU C 163 -3.80 -14.49 5.71
N LYS C 164 -3.42 -13.40 5.06
CA LYS C 164 -4.12 -12.94 3.88
C LYS C 164 -4.36 -14.04 2.85
N ASP C 165 -5.64 -14.32 2.62
CA ASP C 165 -6.04 -15.34 1.65
C ASP C 165 -6.14 -14.67 0.28
N GLU C 166 -5.05 -14.73 -0.49
CA GLU C 166 -5.01 -14.13 -1.81
C GLU C 166 -4.45 -15.07 -2.87
N ILE C 167 -4.42 -14.59 -4.11
CA ILE C 167 -3.92 -15.38 -5.23
C ILE C 167 -2.48 -14.98 -5.56
N ARG C 168 -1.52 -15.76 -5.09
CA ARG C 168 -0.11 -15.46 -5.33
C ARG C 168 0.50 -16.47 -6.29
N PRO C 169 1.68 -16.16 -6.85
CA PRO C 169 2.35 -17.05 -7.79
C PRO C 169 2.67 -18.39 -7.12
N MET C 170 2.55 -19.47 -7.88
CA MET C 170 2.83 -20.80 -7.36
C MET C 170 4.19 -20.89 -6.69
N GLU C 171 5.21 -20.33 -7.35
CA GLU C 171 6.56 -20.35 -6.80
C GLU C 171 6.61 -19.77 -5.39
N LYS C 172 5.83 -18.71 -5.16
CA LYS C 172 5.79 -18.07 -3.86
C LYS C 172 4.91 -18.85 -2.89
N VAL C 173 3.76 -19.32 -3.39
CA VAL C 173 2.83 -20.08 -2.56
C VAL C 173 3.48 -21.41 -2.17
N ARG C 174 4.29 -21.94 -3.08
CA ARG C 174 4.98 -23.19 -2.85
C ARG C 174 6.01 -23.05 -1.74
N ALA C 175 6.74 -21.95 -1.76
CA ALA C 175 7.77 -21.67 -0.75
C ALA C 175 7.15 -21.22 0.56
N GLY C 176 5.81 -21.17 0.60
CA GLY C 176 5.11 -20.76 1.80
C GLY C 176 5.24 -19.27 2.08
N LYS C 177 5.29 -18.48 1.02
CA LYS C 177 5.41 -17.03 1.15
C LYS C 177 4.04 -16.38 1.31
N THR C 178 3.32 -16.79 2.36
CA THR C 178 2.00 -16.25 2.62
C THR C 178 2.11 -14.92 3.35
N ARG C 179 1.54 -13.86 2.75
CA ARG C 179 1.59 -12.54 3.36
C ARG C 179 0.63 -12.45 4.55
N ILE C 180 1.12 -11.87 5.64
CA ILE C 180 0.33 -11.72 6.84
C ILE C 180 -0.11 -10.29 7.09
N VAL C 181 -1.29 -10.14 7.69
CA VAL C 181 -1.85 -8.83 8.00
C VAL C 181 -1.75 -8.53 9.48
N ASP C 182 -1.44 -7.28 9.81
CA ASP C 182 -1.32 -6.86 11.21
C ASP C 182 -2.51 -5.98 11.60
N VAL C 183 -3.52 -6.59 12.22
CA VAL C 183 -4.70 -5.85 12.65
C VAL C 183 -4.48 -5.18 14.00
N LEU C 184 -4.82 -3.90 14.06
CA LEU C 184 -4.68 -3.12 15.29
C LEU C 184 -6.06 -2.86 15.88
N PRO C 185 -6.11 -2.42 17.15
CA PRO C 185 -7.39 -2.14 17.79
C PRO C 185 -8.12 -0.99 17.08
N VAL C 186 -9.43 -1.15 16.91
CA VAL C 186 -10.25 -0.15 16.23
C VAL C 186 -10.16 1.26 16.82
N GLU C 187 -9.98 1.35 18.14
CA GLU C 187 -9.86 2.66 18.79
C GLU C 187 -8.58 3.36 18.36
N HIS C 188 -7.54 2.56 18.11
CA HIS C 188 -6.25 3.08 17.69
C HIS C 188 -6.37 3.72 16.32
N ILE C 189 -7.13 3.08 15.45
CA ILE C 189 -7.35 3.59 14.10
C ILE C 189 -8.23 4.84 14.17
N LEU C 190 -9.16 4.84 15.11
CA LEU C 190 -10.07 5.96 15.30
C LEU C 190 -9.32 7.21 15.74
N TYR C 191 -8.38 7.06 16.66
CA TYR C 191 -7.61 8.18 17.18
C TYR C 191 -6.60 8.69 16.15
N THR C 192 -6.08 7.78 15.34
CA THR C 192 -5.10 8.15 14.31
C THR C 192 -5.73 9.14 13.35
N ARG C 193 -6.95 8.82 12.91
CA ARG C 193 -7.69 9.66 11.98
C ARG C 193 -8.02 11.01 12.63
N MET C 194 -8.03 11.03 13.96
CA MET C 194 -8.32 12.26 14.70
C MET C 194 -7.09 13.16 14.75
N MET C 195 -5.92 12.54 14.84
CA MET C 195 -4.67 13.28 14.90
C MET C 195 -4.19 13.79 13.54
N ILE C 196 -4.27 12.95 12.52
CA ILE C 196 -3.82 13.34 11.18
C ILE C 196 -4.80 12.95 10.07
N GLY C 197 -6.09 13.07 10.34
CA GLY C 197 -7.08 12.72 9.33
C GLY C 197 -7.22 13.86 8.33
N ARG C 198 -7.14 15.08 8.84
CA ARG C 198 -7.26 16.27 8.01
C ARG C 198 -6.12 16.24 6.99
N PHE C 199 -4.99 15.68 7.41
CA PHE C 199 -3.80 15.57 6.58
C PHE C 199 -4.04 14.63 5.40
N CYS C 200 -4.36 13.38 5.70
CA CYS C 200 -4.62 12.38 4.67
C CYS C 200 -5.64 12.87 3.65
N ALA C 201 -6.73 13.45 4.15
CA ALA C 201 -7.79 13.97 3.29
C ALA C 201 -7.24 14.94 2.26
N GLN C 202 -6.23 15.71 2.68
CA GLN C 202 -5.60 16.69 1.79
C GLN C 202 -4.57 15.99 0.92
N MET C 203 -3.94 14.96 1.48
CA MET C 203 -2.93 14.18 0.77
C MET C 203 -3.55 13.48 -0.43
N HIS C 204 -4.75 12.94 -0.21
CA HIS C 204 -5.49 12.22 -1.25
C HIS C 204 -5.91 13.10 -2.41
N SER C 205 -6.61 14.19 -2.10
CA SER C 205 -7.10 15.12 -3.11
C SER C 205 -6.02 15.91 -3.83
N ASN C 206 -4.77 15.70 -3.45
CA ASN C 206 -3.65 16.41 -4.07
C ASN C 206 -2.59 15.47 -4.63
N ASN C 207 -2.94 14.20 -4.80
CA ASN C 207 -2.01 13.21 -5.31
C ASN C 207 -1.40 13.65 -6.63
N GLY C 208 -0.11 13.38 -6.80
CA GLY C 208 0.57 13.77 -8.03
C GLY C 208 2.08 13.79 -7.88
N PRO C 209 2.82 14.13 -8.95
CA PRO C 209 4.28 14.18 -8.90
C PRO C 209 4.80 15.21 -7.91
N GLN C 210 4.06 16.31 -7.76
CA GLN C 210 4.46 17.37 -6.84
C GLN C 210 4.73 16.83 -5.44
N ILE C 211 3.67 16.42 -4.74
CA ILE C 211 3.83 15.88 -3.39
C ILE C 211 4.38 14.47 -3.47
N GLY C 212 4.67 14.02 -4.70
CA GLY C 212 5.21 12.70 -4.92
C GLY C 212 4.39 11.55 -4.34
N SER C 213 3.08 11.73 -4.27
CA SER C 213 2.19 10.70 -3.74
C SER C 213 1.09 10.34 -4.74
N ALA C 214 0.80 9.05 -4.84
CA ALA C 214 -0.24 8.58 -5.76
C ALA C 214 -1.41 7.99 -4.98
N VAL C 215 -1.50 8.33 -3.69
CA VAL C 215 -2.58 7.84 -2.85
C VAL C 215 -3.84 8.67 -3.05
N GLY C 216 -4.90 8.02 -3.52
CA GLY C 216 -6.15 8.72 -3.75
C GLY C 216 -6.42 9.01 -5.21
N CYS C 217 -5.78 8.25 -6.09
CA CYS C 217 -5.94 8.44 -7.53
C CYS C 217 -6.76 7.32 -8.17
N ASN C 218 -7.05 7.51 -9.46
CA ASN C 218 -7.81 6.53 -10.23
C ASN C 218 -7.11 6.35 -11.59
N PRO C 219 -6.40 5.23 -11.77
CA PRO C 219 -5.67 4.92 -13.00
C PRO C 219 -6.43 5.21 -14.28
N ASP C 220 -7.72 4.88 -14.31
CA ASP C 220 -8.54 5.10 -15.48
C ASP C 220 -8.59 6.55 -15.96
N VAL C 221 -8.24 7.49 -15.09
CA VAL C 221 -8.26 8.90 -15.45
C VAL C 221 -6.94 9.62 -15.20
N ASP C 222 -6.25 9.27 -14.13
CA ASP C 222 -4.98 9.91 -13.80
C ASP C 222 -3.80 9.39 -14.60
N TRP C 223 -3.95 8.24 -15.26
CA TRP C 223 -2.86 7.69 -16.03
C TRP C 223 -2.46 8.67 -17.14
N GLN C 224 -3.43 9.45 -17.60
CA GLN C 224 -3.19 10.44 -18.64
C GLN C 224 -2.40 11.60 -18.04
N ARG C 225 -2.70 11.93 -16.78
CA ARG C 225 -2.03 13.01 -16.08
C ARG C 225 -0.61 12.61 -15.69
N PHE C 226 -0.43 11.38 -15.22
CA PHE C 226 0.89 10.92 -14.83
C PHE C 226 1.74 10.68 -16.06
N GLY C 227 1.15 10.00 -17.04
CA GLY C 227 1.86 9.69 -18.27
C GLY C 227 2.59 10.88 -18.89
N THR C 228 1.85 11.94 -19.17
CA THR C 228 2.43 13.13 -19.77
C THR C 228 3.62 13.66 -18.95
N HIS C 229 3.50 13.59 -17.63
CA HIS C 229 4.56 14.06 -16.75
C HIS C 229 5.88 13.34 -16.99
N PHE C 230 5.94 12.07 -16.57
CA PHE C 230 7.15 11.28 -16.73
C PHE C 230 7.51 11.08 -18.19
N ALA C 231 6.66 11.58 -19.08
CA ALA C 231 6.91 11.45 -20.51
C ALA C 231 7.93 12.48 -20.98
N GLN C 232 8.22 13.46 -20.13
CA GLN C 232 9.17 14.50 -20.47
C GLN C 232 10.41 14.50 -19.58
N TYR C 233 10.99 13.32 -19.36
CA TYR C 233 12.20 13.20 -18.55
C TYR C 233 13.20 12.24 -19.19
N ARG C 234 14.45 12.69 -19.28
CA ARG C 234 15.52 11.90 -19.89
C ARG C 234 15.56 10.46 -19.42
N ASN C 235 15.33 10.23 -18.13
CA ASN C 235 15.37 8.88 -17.59
C ASN C 235 14.24 8.56 -16.61
N VAL C 236 13.81 7.31 -16.62
CA VAL C 236 12.76 6.83 -15.73
C VAL C 236 13.21 5.52 -15.10
N TRP C 237 13.05 5.40 -13.79
CA TRP C 237 13.45 4.21 -13.07
C TRP C 237 12.29 3.48 -12.40
N ASP C 238 12.29 2.16 -12.52
CA ASP C 238 11.26 1.32 -11.93
C ASP C 238 11.91 0.57 -10.77
N VAL C 239 12.08 1.25 -9.64
CA VAL C 239 12.71 0.66 -8.47
C VAL C 239 11.81 -0.34 -7.75
N ASP C 240 12.43 -1.32 -7.11
CA ASP C 240 11.71 -2.35 -6.36
C ASP C 240 12.29 -2.57 -4.98
N TYR C 241 11.43 -2.59 -3.98
CA TYR C 241 11.85 -2.79 -2.60
C TYR C 241 11.57 -4.23 -2.17
N SER C 242 12.31 -4.70 -1.17
CA SER C 242 12.15 -6.05 -0.65
C SER C 242 11.65 -5.94 0.79
N ALA C 243 10.35 -6.19 0.99
CA ALA C 243 9.77 -6.12 2.32
C ALA C 243 9.90 -4.69 2.84
N PHE C 244 9.69 -3.74 1.93
CA PHE C 244 9.78 -2.31 2.24
C PHE C 244 9.09 -1.95 3.55
N ASP C 245 7.80 -2.24 3.63
CA ASP C 245 7.00 -1.93 4.82
C ASP C 245 7.46 -2.69 6.07
N ALA C 246 8.35 -3.65 5.90
CA ALA C 246 8.82 -4.45 7.03
C ALA C 246 10.31 -4.27 7.32
N ASN C 247 10.92 -3.26 6.72
CA ASN C 247 12.34 -3.00 6.94
C ASN C 247 12.64 -1.59 7.40
N HIS C 248 11.59 -0.79 7.58
CA HIS C 248 11.76 0.58 8.04
C HIS C 248 12.47 0.55 9.39
N CYS C 249 13.65 1.16 9.48
CA CYS C 249 14.40 1.16 10.73
C CYS C 249 13.79 2.13 11.73
N SER C 250 13.90 1.77 13.01
CA SER C 250 13.37 2.60 14.09
C SER C 250 13.76 4.05 13.93
N ASP C 251 15.03 4.27 13.64
CA ASP C 251 15.57 5.63 13.47
C ASP C 251 14.79 6.41 12.42
N ALA C 252 14.65 5.82 11.23
CA ALA C 252 13.95 6.47 10.13
C ALA C 252 12.49 6.77 10.47
N MET C 253 11.78 5.79 11.03
CA MET C 253 10.39 5.97 11.39
C MET C 253 10.18 7.15 12.32
N ASN C 254 10.83 7.11 13.49
CA ASN C 254 10.71 8.18 14.46
C ASN C 254 11.09 9.55 13.90
N ILE C 255 12.30 9.64 13.36
CA ILE C 255 12.77 10.90 12.79
C ILE C 255 11.79 11.43 11.74
N MET C 256 11.17 10.51 10.99
CA MET C 256 10.20 10.88 9.97
C MET C 256 8.99 11.55 10.58
N PHE C 257 8.45 10.95 11.63
CA PHE C 257 7.28 11.51 12.31
C PHE C 257 7.63 12.85 12.96
N GLU C 258 8.74 12.87 13.68
CA GLU C 258 9.20 14.07 14.38
C GLU C 258 9.37 15.28 13.48
N GLU C 259 9.57 15.04 12.19
CA GLU C 259 9.78 16.12 11.24
C GLU C 259 8.60 16.41 10.31
N VAL C 260 7.76 15.40 10.08
CA VAL C 260 6.62 15.57 9.20
C VAL C 260 5.35 15.99 9.91
N PHE C 261 5.10 15.43 11.09
CA PHE C 261 3.88 15.76 11.84
C PHE C 261 4.11 16.65 13.05
N ARG C 262 4.95 17.66 12.89
CA ARG C 262 5.25 18.60 13.97
C ARG C 262 4.02 19.48 14.23
N THR C 263 3.85 19.91 15.48
CA THR C 263 2.73 20.77 15.83
C THR C 263 2.94 22.09 15.09
N GLU C 264 4.19 22.34 14.71
CA GLU C 264 4.57 23.54 13.99
C GLU C 264 3.74 23.66 12.70
N PHE C 265 3.31 22.51 12.19
CA PHE C 265 2.52 22.47 10.96
C PHE C 265 1.02 22.40 11.23
N GLY C 266 0.63 22.70 12.47
CA GLY C 266 -0.78 22.68 12.82
C GLY C 266 -1.29 21.34 13.30
N PHE C 267 -0.39 20.38 13.49
CA PHE C 267 -0.81 19.05 13.96
C PHE C 267 -0.95 19.02 15.47
N HIS C 268 -1.84 18.16 15.95
CA HIS C 268 -2.07 18.01 17.38
C HIS C 268 -0.85 17.34 17.99
N PRO C 269 -0.41 17.80 19.16
CA PRO C 269 0.76 17.22 19.85
C PRO C 269 0.81 15.69 19.81
N ASN C 270 -0.28 15.05 20.21
CA ASN C 270 -0.34 13.59 20.23
C ASN C 270 -0.34 12.96 18.85
N ALA C 271 0.10 13.71 17.84
CA ALA C 271 0.16 13.20 16.49
C ALA C 271 1.43 12.36 16.34
N GLU C 272 2.54 12.91 16.83
CA GLU C 272 3.83 12.23 16.77
C GLU C 272 3.79 10.95 17.60
N TRP C 273 3.21 11.05 18.79
CA TRP C 273 3.10 9.90 19.70
C TRP C 273 2.33 8.74 19.07
N ILE C 274 1.07 8.99 18.76
CA ILE C 274 0.19 7.98 18.18
C ILE C 274 0.82 7.25 16.99
N LEU C 275 1.76 7.92 16.32
CA LEU C 275 2.42 7.32 15.17
C LEU C 275 3.57 6.41 15.59
N LYS C 276 4.29 6.81 16.62
CA LYS C 276 5.42 6.03 17.12
C LYS C 276 5.00 4.71 17.75
N THR C 277 3.75 4.63 18.19
CA THR C 277 3.25 3.41 18.80
C THR C 277 3.17 2.31 17.76
N LEU C 278 3.85 2.53 16.63
CA LEU C 278 3.87 1.56 15.55
C LEU C 278 5.25 0.95 15.37
N VAL C 279 6.26 1.56 16.00
CA VAL C 279 7.63 1.07 15.91
C VAL C 279 7.73 -0.29 16.60
N ASN C 280 7.63 -0.27 17.93
CA ASN C 280 7.70 -1.50 18.73
C ASN C 280 6.31 -2.10 18.85
N THR C 281 5.95 -2.93 17.88
CA THR C 281 4.64 -3.57 17.87
C THR C 281 4.65 -4.97 18.47
N GLU C 282 3.55 -5.31 19.16
CA GLU C 282 3.43 -6.61 19.77
C GLU C 282 2.44 -7.47 18.97
N HIS C 283 2.95 -8.21 18.00
CA HIS C 283 2.10 -9.06 17.17
C HIS C 283 1.66 -10.29 17.94
N ALA C 284 0.46 -10.76 17.66
CA ALA C 284 -0.08 -11.93 18.34
C ALA C 284 -0.53 -12.97 17.32
N TYR C 285 0.14 -14.12 17.32
CA TYR C 285 -0.19 -15.20 16.40
C TYR C 285 -0.58 -16.44 17.18
N GLU C 286 -1.88 -16.70 17.27
CA GLU C 286 -2.40 -17.86 17.99
C GLU C 286 -2.01 -17.81 19.45
N ASN C 287 -1.10 -18.70 19.85
CA ASN C 287 -0.64 -18.75 21.23
C ASN C 287 0.67 -18.00 21.42
N LYS C 288 1.30 -17.64 20.31
CA LYS C 288 2.57 -16.91 20.36
C LYS C 288 2.35 -15.42 20.55
N ARG C 289 3.39 -14.73 21.00
CA ARG C 289 3.33 -13.28 21.22
C ARG C 289 4.66 -12.66 20.81
N ILE C 290 4.90 -12.64 19.51
CA ILE C 290 6.13 -12.10 18.95
C ILE C 290 6.24 -10.59 19.18
N THR C 291 7.42 -10.15 19.61
CA THR C 291 7.67 -8.74 19.85
C THR C 291 8.63 -8.20 18.81
N VAL C 292 8.21 -7.18 18.08
CA VAL C 292 9.04 -6.58 17.04
C VAL C 292 9.34 -5.12 17.32
N GLU C 293 10.56 -4.70 16.97
CA GLU C 293 10.99 -3.32 17.15
C GLU C 293 11.45 -2.76 15.82
N GLY C 294 10.48 -2.34 15.00
CA GLY C 294 10.80 -1.78 13.70
C GLY C 294 9.83 -2.24 12.63
N GLY C 295 9.67 -1.41 11.60
CA GLY C 295 8.77 -1.75 10.52
C GLY C 295 7.39 -1.16 10.73
N MET C 296 6.54 -1.28 9.72
CA MET C 296 5.18 -0.76 9.79
C MET C 296 4.14 -1.88 9.83
N PRO C 297 3.17 -1.79 10.74
CA PRO C 297 2.11 -2.79 10.86
C PRO C 297 1.33 -2.90 9.56
N SER C 298 1.04 -4.13 9.14
CA SER C 298 0.30 -4.35 7.91
C SER C 298 -1.20 -4.17 8.13
N GLY C 299 -1.59 -3.04 8.71
CA GLY C 299 -3.00 -2.81 8.95
C GLY C 299 -3.32 -1.56 9.75
N CYS C 300 -2.34 -0.68 9.92
CA CYS C 300 -2.55 0.55 10.65
C CYS C 300 -3.14 1.60 9.72
N SER C 301 -4.01 2.45 10.26
CA SER C 301 -4.63 3.50 9.46
C SER C 301 -3.55 4.36 8.80
N ALA C 302 -3.84 4.86 7.61
CA ALA C 302 -2.89 5.68 6.87
C ALA C 302 -1.56 4.96 6.68
N THR C 303 -1.62 3.64 6.55
CA THR C 303 -0.42 2.84 6.35
C THR C 303 0.25 3.20 5.03
N SER C 304 -0.57 3.40 3.99
CA SER C 304 -0.06 3.76 2.67
C SER C 304 0.58 5.14 2.68
N ILE C 305 -0.02 6.05 3.44
CA ILE C 305 0.48 7.41 3.55
C ILE C 305 1.89 7.42 4.13
N ILE C 306 2.08 6.65 5.21
CA ILE C 306 3.39 6.57 5.86
C ILE C 306 4.44 6.01 4.90
N ASN C 307 4.14 4.87 4.29
CA ASN C 307 5.06 4.26 3.34
C ASN C 307 5.43 5.24 2.25
N THR C 308 4.42 5.88 1.67
CA THR C 308 4.62 6.85 0.61
C THR C 308 5.55 7.97 1.06
N ILE C 309 5.33 8.48 2.27
CA ILE C 309 6.15 9.55 2.81
C ILE C 309 7.60 9.06 2.96
N LEU C 310 7.75 7.93 3.64
CA LEU C 310 9.08 7.35 3.84
C LEU C 310 9.76 7.11 2.49
N ASN C 311 9.02 6.47 1.58
CA ASN C 311 9.55 6.17 0.25
C ASN C 311 10.04 7.45 -0.40
N ASN C 312 9.36 8.57 -0.11
CA ASN C 312 9.75 9.85 -0.66
C ASN C 312 11.00 10.39 0.01
N ILE C 313 11.14 10.14 1.30
CA ILE C 313 12.32 10.61 2.04
C ILE C 313 13.56 9.79 1.71
N TYR C 314 13.36 8.48 1.52
CA TYR C 314 14.47 7.60 1.20
C TYR C 314 15.17 7.96 -0.10
N VAL C 315 14.38 8.25 -1.13
CA VAL C 315 14.92 8.61 -2.43
C VAL C 315 15.82 9.84 -2.30
N LEU C 316 15.40 10.79 -1.46
CA LEU C 316 16.16 12.01 -1.24
C LEU C 316 17.41 11.68 -0.42
N TYR C 317 17.21 11.08 0.75
CA TYR C 317 18.31 10.70 1.63
C TYR C 317 19.34 9.88 0.86
N ALA C 318 18.88 9.10 -0.10
CA ALA C 318 19.78 8.26 -0.90
C ALA C 318 20.61 9.09 -1.86
N LEU C 319 19.93 9.83 -2.73
CA LEU C 319 20.62 10.66 -3.72
C LEU C 319 21.57 11.66 -3.06
N ARG C 320 21.19 12.18 -1.91
CA ARG C 320 22.02 13.15 -1.20
C ARG C 320 23.25 12.50 -0.58
N ARG C 321 23.13 11.22 -0.25
CA ARG C 321 24.24 10.50 0.35
C ARG C 321 25.27 10.08 -0.68
N HIS C 322 25.01 10.41 -1.95
CA HIS C 322 25.92 10.06 -3.04
C HIS C 322 26.46 11.33 -3.68
N TYR C 323 25.56 12.27 -3.94
CA TYR C 323 25.93 13.54 -4.56
C TYR C 323 25.78 14.67 -3.54
N GLU C 324 26.15 15.87 -3.94
CA GLU C 324 26.04 17.04 -3.08
C GLU C 324 25.26 18.13 -3.82
N GLY C 325 24.35 18.79 -3.10
CA GLY C 325 23.55 19.83 -3.73
C GLY C 325 22.31 19.26 -4.38
N VAL C 326 21.80 18.17 -3.83
CA VAL C 326 20.60 17.53 -4.36
C VAL C 326 19.36 18.15 -3.73
N GLU C 327 18.38 18.52 -4.56
CA GLU C 327 17.16 19.13 -4.07
C GLU C 327 15.93 18.34 -4.53
N LEU C 328 14.80 18.60 -3.88
CA LEU C 328 13.56 17.92 -4.23
C LEU C 328 13.15 18.14 -5.68
N ASP C 329 13.74 19.14 -6.32
CA ASP C 329 13.44 19.43 -7.71
C ASP C 329 14.52 18.88 -8.64
N THR C 330 15.48 18.17 -8.05
CA THR C 330 16.57 17.57 -8.83
C THR C 330 16.04 16.32 -9.52
N TYR C 331 14.90 15.85 -9.04
CA TYR C 331 14.26 14.66 -9.59
C TYR C 331 12.77 14.72 -9.33
N THR C 332 12.01 13.86 -10.01
CA THR C 332 10.57 13.81 -9.84
C THR C 332 10.17 12.36 -9.60
N MET C 333 9.15 12.15 -8.78
CA MET C 333 8.69 10.80 -8.49
C MET C 333 7.26 10.78 -7.97
N ILE C 334 6.75 9.57 -7.76
CA ILE C 334 5.41 9.37 -7.24
C ILE C 334 5.34 7.93 -6.78
N SER C 335 4.58 7.65 -5.74
CA SER C 335 4.50 6.29 -5.22
C SER C 335 3.22 6.03 -4.43
N TYR C 336 2.89 4.76 -4.32
CA TYR C 336 1.72 4.33 -3.56
C TYR C 336 2.19 3.22 -2.64
N GLY C 337 2.84 3.59 -1.54
CA GLY C 337 3.34 2.61 -0.60
C GLY C 337 4.80 2.30 -0.91
N ASP C 338 5.08 1.07 -1.34
CA ASP C 338 6.43 0.69 -1.66
C ASP C 338 6.70 0.87 -3.15
N ASP C 339 5.72 0.54 -3.98
CA ASP C 339 5.89 0.69 -5.42
C ASP C 339 6.17 2.15 -5.74
N ILE C 340 7.27 2.41 -6.42
CA ILE C 340 7.67 3.77 -6.75
C ILE C 340 8.18 3.91 -8.19
N VAL C 341 8.08 5.13 -8.70
CA VAL C 341 8.55 5.46 -10.05
C VAL C 341 9.30 6.78 -9.96
N VAL C 342 10.60 6.74 -10.27
CA VAL C 342 11.44 7.93 -10.22
C VAL C 342 11.79 8.40 -11.63
N ALA C 343 12.14 9.67 -11.76
CA ALA C 343 12.50 10.24 -13.05
C ALA C 343 13.36 11.50 -12.87
N SER C 344 14.21 11.77 -13.85
CA SER C 344 15.08 12.94 -13.81
C SER C 344 15.92 13.04 -15.08
N ASP C 345 16.34 14.26 -15.41
CA ASP C 345 17.16 14.48 -16.60
C ASP C 345 18.58 14.01 -16.32
N TYR C 346 19.07 14.31 -15.13
CA TYR C 346 20.41 13.91 -14.73
C TYR C 346 20.52 12.38 -14.78
N ASP C 347 21.60 11.89 -15.36
CA ASP C 347 21.82 10.45 -15.48
C ASP C 347 22.17 9.84 -14.14
N LEU C 348 21.26 9.97 -13.17
CA LEU C 348 21.47 9.43 -11.83
C LEU C 348 21.81 7.95 -11.86
N ASP C 349 22.76 7.54 -11.04
CA ASP C 349 23.19 6.15 -10.97
C ASP C 349 22.60 5.47 -9.73
N PHE C 350 21.44 4.84 -9.91
CA PHE C 350 20.78 4.16 -8.80
C PHE C 350 21.58 2.94 -8.34
N GLU C 351 22.34 2.35 -9.25
CA GLU C 351 23.15 1.18 -8.90
C GLU C 351 24.11 1.49 -7.75
N ALA C 352 24.66 2.70 -7.76
CA ALA C 352 25.58 3.12 -6.71
C ALA C 352 24.80 3.60 -5.49
N LEU C 353 23.48 3.52 -5.57
CA LEU C 353 22.61 3.96 -4.49
C LEU C 353 22.18 2.81 -3.59
N LYS C 354 22.25 1.59 -4.11
CA LYS C 354 21.86 0.42 -3.33
C LYS C 354 22.42 0.44 -1.91
N PRO C 355 23.75 0.65 -1.78
CA PRO C 355 24.38 0.69 -0.45
C PRO C 355 23.78 1.76 0.46
N HIS C 356 23.36 2.87 -0.14
CA HIS C 356 22.78 3.97 0.61
C HIS C 356 21.42 3.63 1.20
N PHE C 357 20.62 2.88 0.46
CA PHE C 357 19.30 2.48 0.97
C PHE C 357 19.50 1.44 2.05
N LYS C 358 20.64 0.74 2.00
CA LYS C 358 20.96 -0.29 2.98
C LYS C 358 21.18 0.30 4.36
N SER C 359 21.59 1.57 4.40
CA SER C 359 21.84 2.25 5.67
C SER C 359 20.49 2.44 6.36
N LEU C 360 19.43 2.44 5.56
CA LEU C 360 18.07 2.60 6.07
C LEU C 360 17.40 1.25 6.26
N GLY C 361 18.02 0.21 5.72
CA GLY C 361 17.48 -1.13 5.85
C GLY C 361 16.73 -1.61 4.63
N GLN C 362 16.77 -0.83 3.55
CA GLN C 362 16.08 -1.20 2.33
C GLN C 362 17.03 -1.73 1.26
N THR C 363 16.51 -2.60 0.40
CA THR C 363 17.30 -3.20 -0.68
C THR C 363 16.64 -2.94 -2.04
N ILE C 364 17.10 -1.91 -2.74
CA ILE C 364 16.55 -1.58 -4.04
C ILE C 364 17.01 -2.54 -5.14
N THR C 365 16.13 -2.79 -6.09
CA THR C 365 16.40 -3.68 -7.20
C THR C 365 15.56 -3.27 -8.40
N PRO C 366 16.09 -3.46 -9.62
CA PRO C 366 15.33 -3.09 -10.82
C PRO C 366 14.15 -4.03 -11.06
N ALA C 367 13.07 -3.50 -11.62
CA ALA C 367 11.89 -4.30 -11.91
C ALA C 367 12.14 -5.03 -13.22
N ASP C 368 13.23 -4.68 -13.89
CA ASP C 368 13.61 -5.30 -15.15
C ASP C 368 14.85 -6.15 -14.90
N LYS C 369 14.68 -7.22 -14.12
CA LYS C 369 15.76 -8.13 -13.78
C LYS C 369 16.54 -8.61 -14.99
N SER C 370 15.93 -8.53 -16.17
CA SER C 370 16.58 -8.97 -17.41
C SER C 370 17.94 -8.30 -17.62
N ASP C 371 18.11 -7.12 -17.03
CA ASP C 371 19.37 -6.38 -17.15
C ASP C 371 20.27 -6.62 -15.95
N LYS C 372 19.69 -7.16 -14.88
CA LYS C 372 20.43 -7.47 -13.66
C LYS C 372 20.99 -6.22 -13.00
N GLY C 373 20.76 -5.06 -13.61
CA GLY C 373 21.26 -3.82 -13.06
C GLY C 373 20.52 -2.59 -13.56
N PHE C 374 20.48 -1.54 -12.73
CA PHE C 374 19.79 -0.32 -13.11
C PHE C 374 20.47 0.36 -14.30
N VAL C 375 19.76 0.40 -15.43
CA VAL C 375 20.28 1.04 -16.62
C VAL C 375 19.47 2.31 -16.89
N LEU C 376 19.97 3.14 -17.80
CA LEU C 376 19.29 4.39 -18.14
C LEU C 376 18.65 4.34 -19.52
N GLY C 377 18.06 5.46 -19.94
CA GLY C 377 17.43 5.52 -21.23
C GLY C 377 15.98 5.07 -21.22
N HIS C 378 15.55 4.48 -20.11
CA HIS C 378 14.18 4.00 -19.97
C HIS C 378 13.17 5.15 -19.84
N SER C 379 12.03 4.98 -20.50
CA SER C 379 10.97 5.98 -20.46
C SER C 379 9.81 5.48 -19.61
N ILE C 380 8.75 6.27 -19.53
CA ILE C 380 7.59 5.89 -18.73
C ILE C 380 6.82 4.74 -19.36
N THR C 381 6.97 4.58 -20.67
CA THR C 381 6.29 3.50 -21.38
C THR C 381 7.05 2.19 -21.24
N ASP C 382 7.89 2.11 -20.21
CA ASP C 382 8.68 0.90 -19.96
C ASP C 382 8.47 0.40 -18.53
N VAL C 383 8.09 1.30 -17.65
CA VAL C 383 7.87 0.95 -16.25
C VAL C 383 6.44 0.49 -15.97
N THR C 384 6.20 0.09 -14.73
CA THR C 384 4.89 -0.38 -14.30
C THR C 384 4.58 0.14 -12.90
N PHE C 385 3.45 0.83 -12.78
CA PHE C 385 3.03 1.38 -11.50
C PHE C 385 1.64 0.85 -11.14
N LEU C 386 1.57 0.07 -10.06
CA LEU C 386 0.32 -0.50 -9.59
C LEU C 386 -0.18 -1.62 -10.51
N LYS C 387 0.71 -2.55 -10.85
CA LYS C 387 0.36 -3.67 -11.73
C LYS C 387 -0.16 -3.14 -13.06
N ARG C 388 0.16 -1.89 -13.36
CA ARG C 388 -0.30 -1.28 -14.61
C ARG C 388 0.84 -0.69 -15.42
N HIS C 389 0.75 -0.80 -16.73
CA HIS C 389 1.76 -0.26 -17.63
C HIS C 389 1.26 1.08 -18.16
N PHE C 390 2.06 1.71 -19.00
CA PHE C 390 1.71 2.99 -19.59
C PHE C 390 1.72 2.90 -21.11
N HIS C 391 0.54 2.66 -21.69
CA HIS C 391 0.42 2.56 -23.14
C HIS C 391 -0.39 3.70 -23.73
N MET C 392 -0.04 4.08 -24.95
CA MET C 392 -0.70 5.16 -25.65
C MET C 392 -1.94 4.64 -26.37
N ASP C 393 -3.11 5.01 -25.86
CA ASP C 393 -4.37 4.58 -26.47
C ASP C 393 -4.52 5.15 -27.87
N TYR C 394 -4.52 4.26 -28.86
CA TYR C 394 -4.66 4.67 -30.26
C TYR C 394 -5.96 5.42 -30.52
N GLY C 395 -6.97 5.13 -29.71
CA GLY C 395 -8.25 5.79 -29.87
C GLY C 395 -8.23 7.28 -29.59
N THR C 396 -8.30 7.64 -28.32
CA THR C 396 -8.30 9.04 -27.90
C THR C 396 -6.90 9.60 -27.71
N GLY C 397 -5.89 8.81 -28.06
CA GLY C 397 -4.52 9.27 -27.91
C GLY C 397 -4.08 9.49 -26.47
N PHE C 398 -4.90 9.05 -25.53
CA PHE C 398 -4.59 9.20 -24.11
C PHE C 398 -3.82 8.00 -23.58
N TYR C 399 -3.37 8.09 -22.33
CA TYR C 399 -2.65 7.02 -21.68
C TYR C 399 -3.68 6.16 -20.95
N LYS C 400 -3.49 4.85 -20.97
CA LYS C 400 -4.43 3.94 -20.32
C LYS C 400 -3.76 2.80 -19.56
N PRO C 401 -4.24 2.53 -18.33
CA PRO C 401 -3.70 1.46 -17.48
C PRO C 401 -3.85 0.11 -18.15
N VAL C 402 -2.73 -0.49 -18.54
CA VAL C 402 -2.76 -1.79 -19.20
C VAL C 402 -2.10 -2.87 -18.37
N MET C 403 -2.91 -3.73 -17.76
CA MET C 403 -2.39 -4.82 -16.94
C MET C 403 -1.98 -5.98 -17.83
N ALA C 404 -0.95 -6.72 -17.39
CA ALA C 404 -0.47 -7.86 -18.16
C ALA C 404 -1.56 -8.91 -18.31
N SER C 405 -1.66 -9.50 -19.50
CA SER C 405 -2.67 -10.51 -19.77
C SER C 405 -2.57 -11.67 -18.77
N LYS C 406 -1.35 -12.11 -18.50
CA LYS C 406 -1.12 -13.21 -17.56
C LYS C 406 -1.66 -12.86 -16.18
N THR C 407 -1.58 -11.58 -15.81
CA THR C 407 -2.04 -11.13 -14.52
C THR C 407 -3.57 -11.19 -14.46
N LEU C 408 -4.21 -10.77 -15.55
CA LEU C 408 -5.66 -10.77 -15.65
C LEU C 408 -6.19 -12.20 -15.60
N GLU C 409 -5.54 -13.10 -16.34
CA GLU C 409 -5.95 -14.49 -16.39
C GLU C 409 -5.99 -15.10 -15.00
N ALA C 410 -4.96 -14.85 -14.20
CA ALA C 410 -4.90 -15.37 -12.84
C ALA C 410 -6.03 -14.78 -12.00
N ILE C 411 -6.45 -13.57 -12.35
CA ILE C 411 -7.51 -12.89 -11.63
C ILE C 411 -8.88 -13.47 -12.00
N LEU C 412 -9.02 -13.86 -13.26
CA LEU C 412 -10.28 -14.42 -13.75
C LEU C 412 -10.35 -15.93 -13.55
N SER C 413 -9.37 -16.50 -12.85
CA SER C 413 -9.34 -17.94 -12.60
C SER C 413 -9.77 -18.32 -11.19
N PHE C 414 -9.86 -17.33 -10.31
CA PHE C 414 -10.27 -17.59 -8.93
C PHE C 414 -11.27 -16.55 -8.45
N ALA C 415 -12.02 -16.90 -7.41
CA ALA C 415 -13.02 -15.99 -6.84
C ALA C 415 -13.74 -16.64 -5.66
N ARG C 416 -14.37 -15.80 -4.84
CA ARG C 416 -15.11 -16.28 -3.67
C ARG C 416 -16.35 -17.02 -4.17
N ARG C 417 -17.07 -17.65 -3.24
CA ARG C 417 -18.28 -18.38 -3.60
C ARG C 417 -19.42 -17.40 -3.87
N GLY C 418 -20.03 -17.54 -5.05
CA GLY C 418 -21.14 -16.67 -5.40
C GLY C 418 -20.76 -15.21 -5.49
N THR C 419 -19.61 -14.93 -6.10
CA THR C 419 -19.12 -13.57 -6.26
C THR C 419 -18.55 -13.39 -7.66
N ILE C 420 -18.63 -14.46 -8.46
CA ILE C 420 -18.12 -14.45 -9.83
C ILE C 420 -18.68 -13.27 -10.62
N GLN C 421 -19.98 -13.32 -10.90
CA GLN C 421 -20.66 -12.28 -11.67
C GLN C 421 -20.19 -10.88 -11.28
N GLU C 422 -20.04 -10.64 -9.98
CA GLU C 422 -19.61 -9.34 -9.48
C GLU C 422 -18.20 -9.01 -9.96
N LYS C 423 -17.24 -9.88 -9.64
CA LYS C 423 -15.86 -9.67 -10.04
C LYS C 423 -15.75 -9.50 -11.55
N LEU C 424 -16.46 -10.36 -12.28
CA LEU C 424 -16.44 -10.32 -13.74
C LEU C 424 -16.72 -8.91 -14.26
N ILE C 425 -17.62 -8.20 -13.58
CA ILE C 425 -17.99 -6.85 -13.97
C ILE C 425 -16.90 -5.85 -13.58
N SER C 426 -16.37 -6.00 -12.37
CA SER C 426 -15.33 -5.11 -11.87
C SER C 426 -14.07 -5.25 -12.73
N VAL C 427 -13.58 -6.47 -12.86
CA VAL C 427 -12.38 -6.75 -13.64
C VAL C 427 -12.57 -6.35 -15.09
N ALA C 428 -13.83 -6.33 -15.54
CA ALA C 428 -14.14 -5.95 -16.92
C ALA C 428 -13.63 -4.55 -17.24
N GLY C 429 -13.65 -3.67 -16.24
CA GLY C 429 -13.18 -2.31 -16.43
C GLY C 429 -11.67 -2.21 -16.37
N LEU C 430 -11.01 -3.36 -16.36
CA LEU C 430 -9.55 -3.41 -16.30
C LEU C 430 -8.98 -4.02 -17.58
N ALA C 431 -9.74 -4.93 -18.18
CA ALA C 431 -9.31 -5.61 -19.40
C ALA C 431 -9.61 -4.78 -20.64
N VAL C 432 -10.51 -3.81 -20.50
CA VAL C 432 -10.89 -2.95 -21.62
C VAL C 432 -9.67 -2.29 -22.26
N HIS C 433 -8.66 -2.03 -21.43
CA HIS C 433 -7.43 -1.40 -21.88
C HIS C 433 -6.47 -2.42 -22.52
N SER C 434 -6.88 -3.68 -22.55
CA SER C 434 -6.07 -4.72 -23.15
C SER C 434 -6.48 -4.92 -24.61
N GLY C 435 -7.27 -3.98 -25.11
CA GLY C 435 -7.73 -4.07 -26.48
C GLY C 435 -8.92 -5.00 -26.65
N PRO C 436 -9.70 -4.82 -27.72
CA PRO C 436 -10.88 -5.65 -28.01
C PRO C 436 -10.59 -7.15 -28.03
N ASP C 437 -9.57 -7.53 -28.79
CA ASP C 437 -9.19 -8.93 -28.91
C ASP C 437 -8.94 -9.60 -27.56
N GLU C 438 -8.05 -9.04 -26.76
CA GLU C 438 -7.74 -9.61 -25.45
C GLU C 438 -8.95 -9.60 -24.53
N TYR C 439 -9.74 -8.53 -24.59
CA TYR C 439 -10.92 -8.40 -23.74
C TYR C 439 -11.89 -9.55 -24.00
N ARG C 440 -11.91 -10.04 -25.24
CA ARG C 440 -12.78 -11.13 -25.64
C ARG C 440 -12.28 -12.48 -25.13
N ARG C 441 -11.00 -12.75 -25.37
CA ARG C 441 -10.39 -14.01 -24.95
C ARG C 441 -10.47 -14.16 -23.44
N LEU C 442 -10.05 -13.13 -22.73
CA LEU C 442 -10.05 -13.14 -21.26
C LEU C 442 -11.44 -13.47 -20.70
N PHE C 443 -12.49 -13.00 -21.35
CA PHE C 443 -13.85 -13.26 -20.90
C PHE C 443 -14.54 -14.35 -21.70
N GLU C 444 -13.78 -15.06 -22.52
CA GLU C 444 -14.32 -16.14 -23.33
C GLU C 444 -14.87 -17.28 -22.48
N PRO C 445 -14.11 -17.72 -21.45
CA PRO C 445 -14.53 -18.81 -20.56
C PRO C 445 -15.82 -18.56 -19.79
N PHE C 446 -16.27 -17.32 -19.72
CA PHE C 446 -17.50 -17.01 -18.98
C PHE C 446 -18.69 -16.68 -19.88
N GLN C 447 -18.52 -16.84 -21.19
CA GLN C 447 -19.59 -16.55 -22.13
C GLN C 447 -20.69 -17.60 -22.11
N GLY C 448 -21.91 -17.16 -21.84
CA GLY C 448 -23.03 -18.09 -21.80
C GLY C 448 -23.47 -18.47 -20.41
N LEU C 449 -22.69 -18.07 -19.41
CA LEU C 449 -23.01 -18.38 -18.02
C LEU C 449 -23.06 -17.12 -17.17
N PHE C 450 -22.60 -16.01 -17.74
CA PHE C 450 -22.57 -14.75 -17.01
C PHE C 450 -22.77 -13.53 -17.92
N GLU C 451 -23.06 -12.39 -17.31
CA GLU C 451 -23.27 -11.16 -18.04
C GLU C 451 -21.94 -10.41 -18.19
N ILE C 452 -21.42 -10.40 -19.41
CA ILE C 452 -20.17 -9.72 -19.68
C ILE C 452 -20.45 -8.46 -20.47
N PRO C 453 -20.13 -7.29 -19.89
CA PRO C 453 -20.36 -6.01 -20.56
C PRO C 453 -19.60 -5.92 -21.88
N SER C 454 -20.21 -5.27 -22.87
CA SER C 454 -19.58 -5.10 -24.17
C SER C 454 -18.33 -4.23 -24.04
N TYR C 455 -17.29 -4.59 -24.79
CA TYR C 455 -16.04 -3.85 -24.78
C TYR C 455 -16.28 -2.36 -24.99
N ARG C 456 -17.28 -2.04 -25.80
CA ARG C 456 -17.59 -0.65 -26.11
C ARG C 456 -18.33 0.08 -25.00
N SER C 457 -19.26 -0.60 -24.34
CA SER C 457 -20.01 0.02 -23.26
C SER C 457 -19.05 0.54 -22.18
N LEU C 458 -17.97 -0.20 -21.97
CA LEU C 458 -16.98 0.17 -20.96
C LEU C 458 -15.97 1.18 -21.52
N TYR C 459 -15.68 1.08 -22.80
CA TYR C 459 -14.73 2.00 -23.43
C TYR C 459 -15.26 3.43 -23.34
N LEU C 460 -16.46 3.65 -23.85
CA LEU C 460 -17.08 4.97 -23.82
C LEU C 460 -17.09 5.51 -22.40
N ARG C 461 -17.45 4.65 -21.45
CA ARG C 461 -17.49 5.03 -20.04
C ARG C 461 -16.14 5.61 -19.63
N TRP C 462 -15.08 4.96 -20.09
CA TRP C 462 -13.72 5.39 -19.79
C TRP C 462 -13.43 6.76 -20.39
N VAL C 463 -13.70 6.92 -21.68
CA VAL C 463 -13.45 8.17 -22.37
C VAL C 463 -14.09 9.36 -21.65
N ASN C 464 -15.35 9.20 -21.25
CA ASN C 464 -16.05 10.26 -20.55
C ASN C 464 -15.43 10.52 -19.18
N ALA C 465 -14.55 9.61 -18.77
CA ALA C 465 -13.89 9.73 -17.47
C ALA C 465 -12.56 10.49 -17.58
N VAL C 466 -11.70 10.05 -18.49
CA VAL C 466 -10.41 10.70 -18.70
C VAL C 466 -10.61 12.15 -19.10
N CYS C 467 -11.74 12.43 -19.74
CA CYS C 467 -12.06 13.78 -20.18
C CYS C 467 -13.50 13.83 -20.67
N GLY C 468 -14.38 14.33 -19.82
CA GLY C 468 -15.80 14.41 -20.17
C GLY C 468 -16.06 15.12 -21.49
N ASP C 469 -15.23 16.11 -21.81
CA ASP C 469 -15.40 16.87 -23.04
C ASP C 469 -14.78 16.14 -24.23
N ALA C 470 -13.91 15.16 -23.95
CA ALA C 470 -13.27 14.39 -25.00
C ALA C 470 -14.31 13.57 -25.74
N ALA C 471 -15.19 12.93 -24.98
CA ALA C 471 -16.25 12.10 -25.55
C ALA C 471 -17.42 12.97 -26.00
N ALA C 472 -17.51 14.17 -25.42
CA ALA C 472 -18.57 15.10 -25.75
C ALA C 472 -18.33 15.74 -27.10
N LEU C 473 -17.15 16.34 -27.26
CA LEU C 473 -16.79 17.00 -28.51
C LEU C 473 -16.46 15.99 -29.60
N GLU C 474 -16.59 14.70 -29.28
CA GLU C 474 -16.32 13.64 -30.24
C GLU C 474 -17.45 13.54 -31.25
N HIS C 475 -18.53 14.27 -30.99
CA HIS C 475 -19.69 14.27 -31.86
C HIS C 475 -19.60 15.41 -32.88
N HIS C 476 -18.78 16.41 -32.57
CA HIS C 476 -18.59 17.56 -33.45
C HIS C 476 -17.32 17.41 -34.28
MG MG D . 7.17 -1.19 -9.70
MG MG E . 8.13 -5.77 -4.26
PA UTP F . 4.91 -6.53 -1.96
O1A UTP F . 4.44 -7.49 -0.80
O2A UTP F . 4.22 -6.20 -3.31
O3A UTP F . 6.44 -7.06 -2.34
O5' UTP F . 4.11 -5.27 -1.60
PB UTP F . 6.90 -8.64 -2.07
O1B UTP F . 5.96 -9.55 -2.91
O2B UTP F . 6.84 -8.99 -0.57
O3B UTP F . 8.53 -8.60 -2.42
PG UTP F . 9.60 -9.70 -3.11
O1G UTP F . 9.59 -9.60 -4.63
O2G UTP F . 10.94 -9.22 -2.50
O3G UTP F . 9.06 -11.05 -2.63
C5' UTP F . 2.81 -4.68 -1.25
C4' UTP F . 2.91 -3.99 0.15
O4' UTP F . 1.69 -4.08 0.94
C1' UTP F . 1.97 -4.72 2.20
C2' UTP F . 3.46 -5.11 2.19
O2' UTP F . 4.09 -4.43 3.32
C3' UTP F . 4.10 -4.60 0.90
O3' UTP F . 5.28 -3.73 0.85
N1 UTP F . 0.96 -5.77 2.50
C6 UTP F . -0.14 -6.07 1.62
C2 UTP F . 1.13 -6.49 3.74
O2 UTP F . 2.03 -6.31 4.55
N3 UTP F . 0.16 -7.46 3.99
C4 UTP F . -0.95 -7.80 3.16
O4 UTP F . -1.73 -8.68 3.52
C5 UTP F . -1.06 -7.03 1.92
O11 PPV G . 0.56 -9.56 -4.00
P1 PPV G . 0.54 -8.73 -5.27
O21 PPV G . 1.32 -7.49 -4.93
O31 PPV G . 1.24 -9.51 -6.51
OPP PPV G . -0.91 -8.35 -5.53
P2 PPV G . -2.07 -7.60 -4.70
O12 PPV G . -2.56 -6.41 -5.48
O22 PPV G . -3.31 -8.45 -4.52
O32 PPV G . -1.52 -7.16 -3.24
#